data_5C0K
#
_entry.id   5C0K
#
_cell.length_a   71.430
_cell.length_b   71.430
_cell.length_c   104.990
_cell.angle_alpha   90.00
_cell.angle_beta   90.00
_cell.angle_gamma   90.00
#
_symmetry.space_group_name_H-M   'P 41 2 2'
#
loop_
_entity.id
_entity.type
_entity.pdbx_description
1 polymer 'E3 ubiquitin-protein ligase XIAP'
2 non-polymer 'ZINC ION'
3 non-polymer 1,2-ETHANEDIOL
4 non-polymer (2S)-1-{[(2S)-1-amino-3-methyl-1-oxobutan-2-yl]amino}-1-oxopropan-2-aminium
5 water water
#
_entity_poly.entity_id   1
_entity_poly.type   'polypeptide(L)'
_entity_poly.pdbx_seq_one_letter_code
;GSHMNFPNSTNLPRNPSMADYEARIFTFGTWIYSVNKEQLARAGFYALGEGDKVKCFHCGGGLTDWKPSEDPWEQHAKWY
PGCKYLLEQKGQEYINNIHLTHSLEECLVR
;
_entity_poly.pdbx_strand_id   A
#
# COMPACT_ATOMS: atom_id res chain seq x y z
N ASN A 5 -10.49 4.88 11.78
CA ASN A 5 -9.36 5.75 12.11
C ASN A 5 -8.91 6.54 10.89
N PHE A 6 -8.48 7.80 11.09
CA PHE A 6 -7.99 8.68 10.04
C PHE A 6 -6.61 8.19 9.57
N PRO A 7 -6.21 8.51 8.32
CA PRO A 7 -4.88 8.06 7.86
C PRO A 7 -3.73 8.94 8.43
N ASN A 8 -2.56 8.31 8.69
CA ASN A 8 -1.39 9.06 9.14
C ASN A 8 -0.74 9.80 7.97
N SER A 9 -0.77 11.15 8.01
CA SER A 9 -0.08 11.95 7.00
C SER A 9 1.17 12.62 7.48
N THR A 10 1.75 12.20 8.61
CA THR A 10 3.04 12.77 9.06
C THR A 10 4.14 11.92 8.45
N ASN A 11 5.39 12.39 8.60
CA ASN A 11 6.62 11.76 8.13
C ASN A 11 7.10 10.68 9.11
N LEU A 12 6.32 10.42 10.17
CA LEU A 12 6.60 9.39 11.15
C LEU A 12 5.67 8.18 10.97
N PRO A 13 6.23 6.95 10.85
CA PRO A 13 5.40 5.75 10.67
C PRO A 13 4.52 5.40 11.85
N ARG A 14 3.28 5.02 11.56
CA ARG A 14 2.31 4.58 12.55
C ARG A 14 2.71 3.24 13.18
N ASN A 15 3.33 2.35 12.40
CA ASN A 15 3.79 1.07 12.92
C ASN A 15 5.30 0.90 12.64
N PRO A 16 6.18 1.53 13.43
CA PRO A 16 7.62 1.31 13.22
C PRO A 16 8.15 -0.14 13.36
N SER A 17 7.49 -1.05 14.10
CA SER A 17 7.88 -2.48 14.12
C SER A 17 7.85 -3.12 12.71
N MET A 18 7.02 -2.56 11.82
CA MET A 18 6.82 -3.01 10.45
C MET A 18 7.58 -2.14 9.40
N ALA A 19 8.53 -1.28 9.85
CA ALA A 19 9.31 -0.37 9.00
C ALA A 19 10.28 -1.09 8.07
N ASP A 20 10.78 -2.26 8.49
CA ASP A 20 11.74 -3.00 7.67
C ASP A 20 11.05 -3.97 6.75
N TYR A 21 11.48 -4.02 5.49
CA TYR A 21 10.97 -4.94 4.48
C TYR A 21 10.86 -6.40 5.00
N GLU A 22 11.90 -6.90 5.68
CA GLU A 22 11.93 -8.28 6.15
C GLU A 22 10.92 -8.56 7.27
N ALA A 23 10.68 -7.60 8.17
CA ALA A 23 9.62 -7.73 9.17
C ALA A 23 8.25 -7.90 8.46
N ARG A 24 7.98 -7.06 7.45
CA ARG A 24 6.73 -7.11 6.68
C ARG A 24 6.57 -8.43 5.94
N ILE A 25 7.65 -8.91 5.30
CA ILE A 25 7.60 -10.10 4.48
C ILE A 25 7.21 -11.32 5.35
N PHE A 26 7.67 -11.40 6.60
CA PHE A 26 7.29 -12.46 7.53
C PHE A 26 5.81 -12.53 7.88
N THR A 27 5.06 -11.41 7.83
CA THR A 27 3.66 -11.38 8.25
C THR A 27 2.74 -12.22 7.33
N PHE A 28 3.14 -12.42 6.08
CA PHE A 28 2.35 -13.07 5.06
C PHE A 28 2.30 -14.59 5.22
N GLY A 29 3.44 -15.23 5.50
CA GLY A 29 3.49 -16.70 5.46
C GLY A 29 3.16 -17.21 4.07
N THR A 30 2.56 -18.40 3.94
CA THR A 30 2.08 -18.90 2.65
C THR A 30 0.94 -18.01 2.13
N TRP A 31 1.17 -17.39 0.98
CA TRP A 31 0.25 -16.39 0.47
C TRP A 31 -0.42 -16.95 -0.75
N ILE A 32 -1.75 -17.21 -0.66
CA ILE A 32 -2.50 -17.85 -1.76
C ILE A 32 -3.14 -16.79 -2.69
N TYR A 33 -2.96 -15.52 -2.35
CA TYR A 33 -3.73 -14.42 -2.92
C TYR A 33 -3.14 -13.91 -4.21
N SER A 34 -3.90 -13.08 -4.91
CA SER A 34 -3.64 -12.84 -6.34
C SER A 34 -2.47 -11.83 -6.57
N VAL A 35 -2.19 -10.99 -5.56
CA VAL A 35 -1.04 -10.09 -5.63
C VAL A 35 0.13 -10.70 -4.83
N ASN A 36 1.31 -10.71 -5.47
CA ASN A 36 2.63 -11.14 -5.00
C ASN A 36 2.97 -10.49 -3.65
N LYS A 37 3.45 -11.26 -2.68
CA LYS A 37 3.69 -10.74 -1.33
C LYS A 37 4.91 -9.81 -1.30
N GLU A 38 5.93 -10.08 -2.16
CA GLU A 38 7.11 -9.22 -2.36
C GLU A 38 6.74 -7.83 -2.86
N GLN A 39 5.88 -7.75 -3.87
CA GLN A 39 5.38 -6.49 -4.40
C GLN A 39 4.59 -5.75 -3.32
N LEU A 40 3.78 -6.46 -2.51
CA LEU A 40 3.00 -5.84 -1.45
C LEU A 40 3.94 -5.27 -0.36
N ALA A 41 4.92 -6.07 0.07
CA ALA A 41 5.86 -5.68 1.11
C ALA A 41 6.74 -4.52 0.69
N ARG A 42 7.11 -4.46 -0.61
CA ARG A 42 7.91 -3.35 -1.19
C ARG A 42 7.12 -2.06 -1.20
N ALA A 43 5.80 -2.14 -1.44
CA ALA A 43 4.93 -0.97 -1.39
C ALA A 43 4.53 -0.53 0.04
N GLY A 44 5.17 -1.09 1.06
CA GLY A 44 5.04 -0.74 2.47
C GLY A 44 4.02 -1.55 3.23
N PHE A 45 3.44 -2.55 2.58
CA PHE A 45 2.35 -3.37 3.16
C PHE A 45 2.80 -4.62 3.92
N TYR A 46 2.09 -4.90 5.01
CA TYR A 46 2.24 -6.17 5.72
C TYR A 46 0.85 -6.80 5.89
N ALA A 47 0.80 -8.11 6.06
CA ALA A 47 -0.46 -8.86 6.11
C ALA A 47 -1.07 -8.84 7.49
N LEU A 48 -2.43 -8.78 7.54
CA LEU A 48 -3.12 -8.84 8.84
C LEU A 48 -3.49 -10.26 9.30
N GLY A 49 -3.43 -11.25 8.39
CA GLY A 49 -3.91 -12.57 8.74
C GLY A 49 -5.38 -12.77 8.50
N GLU A 50 -6.05 -11.74 7.92
CA GLU A 50 -7.49 -11.70 7.64
C GLU A 50 -7.70 -11.70 6.11
N GLY A 51 -7.82 -12.87 5.49
CA GLY A 51 -7.75 -12.99 4.03
C GLY A 51 -6.56 -12.29 3.38
N ASP A 52 -6.80 -11.53 2.30
CA ASP A 52 -5.76 -10.72 1.63
C ASP A 52 -5.65 -9.28 2.22
N LYS A 53 -6.27 -9.00 3.38
CA LYS A 53 -6.15 -7.67 3.99
C LYS A 53 -4.68 -7.34 4.37
N VAL A 54 -4.19 -6.20 3.85
CA VAL A 54 -2.88 -5.65 4.14
C VAL A 54 -3.01 -4.27 4.74
N LYS A 55 -1.97 -3.80 5.41
CA LYS A 55 -1.97 -2.46 5.99
C LYS A 55 -0.62 -1.82 5.72
N CYS A 56 -0.58 -0.50 5.42
CA CYS A 56 0.71 0.18 5.26
C CYS A 56 1.29 0.45 6.61
N PHE A 57 2.60 0.13 6.81
CA PHE A 57 3.31 0.38 8.06
C PHE A 57 3.36 1.85 8.43
N HIS A 58 3.34 2.73 7.42
CA HIS A 58 3.57 4.16 7.60
C HIS A 58 2.25 4.94 7.74
N CYS A 59 1.36 4.91 6.74
CA CYS A 59 0.08 5.64 6.86
C CYS A 59 -0.95 4.87 7.70
N GLY A 60 -0.76 3.56 7.84
CA GLY A 60 -1.76 2.70 8.46
C GLY A 60 -2.93 2.35 7.56
N GLY A 61 -2.91 2.79 6.29
CA GLY A 61 -3.95 2.49 5.35
C GLY A 61 -4.11 1.02 5.04
N GLY A 62 -5.35 0.54 5.18
CA GLY A 62 -5.74 -0.85 4.96
C GLY A 62 -6.44 -1.10 3.64
N LEU A 63 -6.12 -2.23 3.01
CA LEU A 63 -6.63 -2.62 1.68
C LEU A 63 -6.97 -4.10 1.63
N THR A 64 -8.20 -4.43 1.19
CA THR A 64 -8.69 -5.83 1.03
C THR A 64 -9.14 -6.02 -0.41
N ASP A 65 -9.46 -7.25 -0.80
CA ASP A 65 -10.11 -7.60 -2.09
C ASP A 65 -9.27 -7.22 -3.28
N TRP A 66 -8.01 -7.61 -3.23
CA TRP A 66 -7.03 -7.42 -4.28
C TRP A 66 -7.40 -8.26 -5.49
N LYS A 67 -7.37 -7.65 -6.66
CA LYS A 67 -7.66 -8.29 -7.93
C LYS A 67 -6.32 -8.66 -8.61
N PRO A 68 -6.26 -9.74 -9.42
CA PRO A 68 -4.94 -10.19 -9.92
C PRO A 68 -4.15 -9.19 -10.78
N SER A 69 -4.80 -8.21 -11.39
CA SER A 69 -4.09 -7.22 -12.21
C SER A 69 -3.41 -6.07 -11.39
N GLU A 70 -3.79 -5.94 -10.11
CA GLU A 70 -3.56 -4.70 -9.37
C GLU A 70 -2.15 -4.49 -8.89
N ASP A 71 -1.66 -3.26 -9.05
CA ASP A 71 -0.33 -2.86 -8.60
C ASP A 71 -0.43 -2.29 -7.16
N PRO A 72 0.30 -2.87 -6.16
CA PRO A 72 0.28 -2.31 -4.78
C PRO A 72 0.56 -0.81 -4.66
N TRP A 73 1.56 -0.27 -5.39
CA TRP A 73 1.89 1.17 -5.38
C TRP A 73 0.74 2.04 -5.86
N GLU A 74 0.04 1.60 -6.93
CA GLU A 74 -1.10 2.33 -7.48
C GLU A 74 -2.31 2.39 -6.54
N GLN A 75 -2.65 1.24 -5.96
CA GLN A 75 -3.68 1.10 -4.95
C GLN A 75 -3.34 1.92 -3.72
N HIS A 76 -2.06 1.90 -3.31
CA HIS A 76 -1.56 2.66 -2.16
C HIS A 76 -1.89 4.15 -2.38
N ALA A 77 -1.55 4.65 -3.60
CA ALA A 77 -1.77 6.03 -4.01
C ALA A 77 -3.24 6.37 -4.21
N LYS A 78 -4.04 5.44 -4.76
CA LYS A 78 -5.46 5.71 -4.96
C LYS A 78 -6.17 6.01 -3.62
N TRP A 79 -5.95 5.14 -2.63
CA TRP A 79 -6.69 5.15 -1.38
C TRP A 79 -5.99 5.93 -0.27
N TYR A 80 -4.64 6.04 -0.31
CA TYR A 80 -3.84 6.71 0.74
C TYR A 80 -2.88 7.71 0.14
N PRO A 81 -3.45 8.74 -0.57
CA PRO A 81 -2.59 9.68 -1.29
C PRO A 81 -1.79 10.59 -0.36
N GLY A 82 -2.19 10.71 0.92
CA GLY A 82 -1.48 11.48 1.93
C GLY A 82 -0.29 10.76 2.59
N CYS A 83 -0.08 9.45 2.27
CA CYS A 83 1.05 8.69 2.81
C CYS A 83 2.43 9.26 2.51
N LYS A 84 3.24 9.54 3.54
CA LYS A 84 4.55 10.14 3.33
C LYS A 84 5.60 9.13 2.89
N TYR A 85 5.41 7.86 3.21
CA TYR A 85 6.21 6.75 2.68
C TYR A 85 6.03 6.59 1.16
N LEU A 86 4.77 6.51 0.69
CA LEU A 86 4.45 6.62 -0.73
C LEU A 86 5.18 7.81 -1.42
N LEU A 87 5.07 9.04 -0.85
CA LEU A 87 5.70 10.23 -1.40
C LEU A 87 7.21 10.10 -1.50
N GLU A 88 7.87 9.65 -0.42
CA GLU A 88 9.31 9.41 -0.41
C GLU A 88 9.76 8.43 -1.52
N GLN A 89 9.08 7.28 -1.67
CA GLN A 89 9.52 6.21 -2.56
C GLN A 89 9.21 6.46 -4.04
N LYS A 90 8.12 7.17 -4.28
CA LYS A 90 7.57 7.27 -5.63
C LYS A 90 7.68 8.67 -6.27
N GLY A 91 7.60 9.72 -5.45
CA GLY A 91 7.54 11.12 -5.90
C GLY A 91 6.11 11.59 -6.12
N GLN A 92 5.84 12.93 -5.96
CA GLN A 92 4.48 13.49 -6.10
C GLN A 92 3.96 13.42 -7.56
N GLU A 93 4.85 13.38 -8.54
CA GLU A 93 4.53 13.29 -9.95
C GLU A 93 3.89 11.91 -10.33
N TYR A 94 4.53 10.78 -9.89
CA TYR A 94 3.97 9.44 -9.95
C TYR A 94 2.63 9.45 -9.31
N ILE A 95 2.53 10.11 -8.14
CA ILE A 95 1.27 10.11 -7.40
C ILE A 95 0.16 10.83 -8.23
N ASN A 96 0.51 11.92 -8.88
CA ASN A 96 -0.47 12.73 -9.62
C ASN A 96 -0.93 12.01 -10.86
N ASN A 97 0.01 11.39 -11.62
CA ASN A 97 -0.24 10.47 -12.73
C ASN A 97 -1.25 9.46 -12.36
N ILE A 98 -1.00 8.73 -11.26
CA ILE A 98 -1.89 7.70 -10.76
C ILE A 98 -3.29 8.27 -10.51
N HIS A 99 -3.36 9.45 -9.89
CA HIS A 99 -4.66 10.04 -9.58
C HIS A 99 -5.40 10.48 -10.78
N LEU A 100 -4.70 11.19 -11.69
CA LEU A 100 -5.25 11.53 -13.00
C LEU A 100 -5.75 10.32 -13.75
N THR A 101 -4.98 9.22 -13.77
CA THR A 101 -5.40 7.99 -14.44
C THR A 101 -6.66 7.43 -13.82
N HIS A 102 -6.71 7.35 -12.47
CA HIS A 102 -7.86 6.84 -11.75
C HIS A 102 -9.10 7.68 -11.95
N SER A 103 -8.98 8.99 -11.76
CA SER A 103 -10.08 9.93 -12.01
C SER A 103 -10.54 9.93 -13.46
N LEU A 104 -9.62 9.78 -14.42
CA LEU A 104 -10.02 9.64 -15.84
C LEU A 104 -10.60 8.25 -16.19
N GLU A 105 -10.16 7.19 -15.49
CA GLU A 105 -10.70 5.85 -15.74
C GLU A 105 -12.22 5.80 -15.52
N GLU A 106 -12.72 6.41 -14.40
CA GLU A 106 -14.15 6.41 -14.09
C GLU A 106 -14.97 7.31 -15.02
N CYS A 107 -14.44 8.50 -15.34
CA CYS A 107 -15.09 9.44 -16.26
C CYS A 107 -15.38 8.77 -17.63
N LEU A 108 -14.46 7.92 -18.13
CA LEU A 108 -14.67 7.17 -19.36
C LEU A 108 -15.45 5.85 -19.13
#